data_5W99
#
_entry.id   5W99
#
_cell.length_a   44.250
_cell.length_b   66.457
_cell.length_c   116.572
_cell.angle_alpha   90.00
_cell.angle_beta   90.00
_cell.angle_gamma   90.00
#
_symmetry.space_group_name_H-M   'P 21 21 21'
#
loop_
_entity.id
_entity.type
_entity.pdbx_description
1 polymer PbtD
2 non-polymer "2,2'-(6-(2'-(aminomethyl)-[2,4'-bithiazol]-4-yl)pyridine-2,5-diyl)bis(thiazole-4-carboxylic acid)"
3 non-polymer 'SULFATE ION'
4 water water
#
_entity_poly.entity_id   1
_entity_poly.type   'polypeptide(L)'
_entity_poly.pdbx_seq_one_letter_code
;SGSMTWRRFDVAYHDPDLDRLILAARPLLSESPGRSWFQRHWVRGPHLELWFDHPEPSWERVREVLGTHLRAHPSRTRID
PDRLLPQHRRLALAEQIDEPLLPFYDDNTLHRAVPRSRVHVLGSAAAEDLFHDFHAAASTAAFDQLDAVVAGESRLGLAF
ELMIAAAHAHAEGGITGGFVSFRSHAEAFLAGAAGLRERWEAEYRTRAEALRAQVAAVVTGTPRGRAWTGLLDGFAGRGD
ELIASGALTVEPASPTAAAEPDTEFHRALRANRTWHDEVLRSPSFRRYRLLLNLTYLQMSRLGVTAVQRSLLCHFAASAV
EEEYGVSAIEIAVGGM
;
_entity_poly.pdbx_strand_id   A
#
# COMPACT_ATOMS: atom_id res chain seq x y z
N THR A 5 -19.66 14.60 3.76
CA THR A 5 -18.89 15.08 2.61
C THR A 5 -18.62 13.95 1.56
N TRP A 6 -18.47 12.70 1.98
CA TRP A 6 -18.09 11.60 1.05
C TRP A 6 -19.27 10.68 0.70
N ARG A 7 -19.25 10.12 -0.50
CA ARG A 7 -20.17 9.08 -0.95
C ARG A 7 -19.32 7.84 -1.21
N ARG A 8 -19.83 6.66 -0.90
CA ARG A 8 -19.11 5.39 -1.08
C ARG A 8 -19.99 4.39 -1.83
N PHE A 9 -19.37 3.64 -2.74
CA PHE A 9 -19.99 2.50 -3.42
C PHE A 9 -19.09 1.28 -3.21
N ASP A 10 -19.73 0.13 -2.92
CA ASP A 10 -19.02 -1.15 -2.77
C ASP A 10 -19.39 -2.01 -3.98
N VAL A 11 -18.37 -2.61 -4.60
CA VAL A 11 -18.59 -3.60 -5.63
C VAL A 11 -18.13 -4.96 -5.09
N ALA A 12 -19.12 -5.83 -4.82
CA ALA A 12 -18.82 -7.14 -4.28
C ALA A 12 -18.33 -8.05 -5.41
N TYR A 13 -17.10 -8.53 -5.22
CA TYR A 13 -16.36 -9.28 -6.27
C TYR A 13 -15.39 -10.15 -5.57
N HIS A 14 -15.66 -11.46 -5.59
CA HIS A 14 -15.02 -12.37 -4.64
C HIS A 14 -13.72 -13.00 -5.16
N ASP A 15 -13.49 -12.95 -6.48
CA ASP A 15 -12.18 -13.28 -7.02
C ASP A 15 -11.11 -12.24 -6.55
N PRO A 16 -10.00 -12.69 -5.94
CA PRO A 16 -9.03 -11.70 -5.46
C PRO A 16 -8.42 -10.80 -6.55
N ASP A 17 -8.47 -11.25 -7.80
CA ASP A 17 -8.02 -10.44 -8.92
C ASP A 17 -9.11 -9.45 -9.38
N LEU A 18 -8.98 -8.27 -8.82
CA LEU A 18 -9.87 -7.11 -9.08
C LEU A 18 -9.43 -6.23 -10.23
N ASP A 19 -8.30 -6.57 -10.92
CA ASP A 19 -7.63 -5.56 -11.73
C ASP A 19 -8.50 -5.10 -12.91
N ARG A 20 -9.11 -6.06 -13.65
CA ARG A 20 -10.03 -5.67 -14.73
C ARG A 20 -11.26 -4.89 -14.32
N LEU A 21 -11.79 -5.21 -13.13
CA LEU A 21 -12.92 -4.49 -12.61
C LEU A 21 -12.52 -3.02 -12.29
N ILE A 22 -11.34 -2.89 -11.71
CA ILE A 22 -10.79 -1.56 -11.44
C ILE A 22 -10.63 -0.78 -12.75
N LEU A 23 -10.06 -1.38 -13.78
CA LEU A 23 -9.90 -0.66 -15.04
C LEU A 23 -11.27 -0.19 -15.62
N ALA A 24 -12.28 -1.04 -15.43
CA ALA A 24 -13.64 -0.70 -15.92
C ALA A 24 -14.18 0.52 -15.20
N ALA A 25 -13.73 0.72 -13.97
CA ALA A 25 -14.16 1.90 -13.18
C ALA A 25 -13.48 3.17 -13.55
N ARG A 26 -12.40 3.11 -14.34
CA ARG A 26 -11.57 4.30 -14.69
C ARG A 26 -12.38 5.51 -15.11
N PRO A 27 -13.35 5.37 -16.05
CA PRO A 27 -14.10 6.59 -16.38
C PRO A 27 -14.83 7.28 -15.20
N LEU A 28 -15.39 6.50 -14.27
CA LEU A 28 -16.08 7.06 -13.12
C LEU A 28 -15.17 7.95 -12.29
N LEU A 29 -13.86 7.65 -12.25
CA LEU A 29 -12.92 8.43 -11.41
C LEU A 29 -12.12 9.41 -12.24
N SER A 30 -12.52 9.60 -13.50
N SER A 30 -12.48 9.62 -13.51
CA SER A 30 -11.75 10.41 -14.41
CA SER A 30 -11.74 10.55 -14.32
C SER A 30 -12.59 11.49 -15.14
C SER A 30 -12.60 11.41 -15.24
N GLU A 31 -13.91 11.51 -14.96
CA GLU A 31 -14.79 12.24 -15.86
C GLU A 31 -15.45 13.45 -15.20
N SER A 32 -15.45 13.58 -13.89
CA SER A 32 -16.13 14.63 -13.18
C SER A 32 -15.26 15.36 -12.15
N PRO A 33 -15.59 16.56 -11.80
CA PRO A 33 -14.84 17.25 -10.75
C PRO A 33 -15.02 16.59 -9.36
N GLY A 34 -14.12 16.97 -8.47
CA GLY A 34 -14.06 16.47 -7.11
C GLY A 34 -12.96 15.42 -6.92
N ARG A 35 -12.72 15.09 -5.65
CA ARG A 35 -11.79 14.02 -5.30
C ARG A 35 -12.48 12.67 -5.46
N SER A 36 -11.80 11.73 -6.10
N SER A 36 -11.80 11.72 -6.08
CA SER A 36 -12.29 10.36 -6.33
CA SER A 36 -12.31 10.35 -6.14
C SER A 36 -11.15 9.42 -5.96
C SER A 36 -11.16 9.36 -6.02
N TRP A 37 -11.47 8.27 -5.36
CA TRP A 37 -10.44 7.26 -5.07
C TRP A 37 -10.99 5.91 -4.87
N PHE A 38 -10.16 4.85 -4.93
CA PHE A 38 -10.62 3.49 -4.74
C PHE A 38 -9.66 2.74 -3.81
N GLN A 39 -10.18 1.71 -3.15
CA GLN A 39 -9.35 0.81 -2.40
C GLN A 39 -10.02 -0.56 -2.41
N ARG A 40 -9.23 -1.57 -2.05
CA ARG A 40 -9.71 -2.91 -1.82
C ARG A 40 -10.06 -3.08 -0.32
N HIS A 41 -11.16 -3.76 0.03
CA HIS A 41 -11.48 -3.96 1.44
C HIS A 41 -12.20 -5.28 1.60
N TRP A 42 -12.41 -5.65 2.86
CA TRP A 42 -12.84 -7.01 3.26
C TRP A 42 -14.18 -6.96 3.99
N VAL A 43 -14.69 -5.81 4.48
CA VAL A 43 -15.88 -5.81 5.30
C VAL A 43 -17.11 -6.21 4.43
N ARG A 44 -17.87 -7.18 4.94
CA ARG A 44 -19.02 -7.77 4.16
C ARG A 44 -18.49 -8.58 2.97
N GLY A 45 -17.23 -9.02 3.06
CA GLY A 45 -16.56 -9.85 2.07
C GLY A 45 -15.74 -9.05 1.09
N PRO A 46 -14.87 -9.68 0.34
CA PRO A 46 -13.99 -8.94 -0.56
C PRO A 46 -14.80 -8.01 -1.46
N HIS A 47 -14.34 -6.77 -1.59
CA HIS A 47 -15.07 -5.84 -2.44
C HIS A 47 -14.17 -4.69 -2.77
N LEU A 48 -14.49 -4.00 -3.86
CA LEU A 48 -13.86 -2.76 -4.30
C LEU A 48 -14.66 -1.59 -3.74
N GLU A 49 -14.00 -0.56 -3.18
CA GLU A 49 -14.71 0.62 -2.72
C GLU A 49 -14.39 1.81 -3.60
N LEU A 50 -15.40 2.56 -4.02
CA LEU A 50 -15.23 3.80 -4.74
C LEU A 50 -15.74 4.94 -3.87
N TRP A 51 -14.93 5.96 -3.72
CA TRP A 51 -15.19 7.08 -2.82
C TRP A 51 -15.17 8.37 -3.63
N PHE A 52 -16.14 9.24 -3.37
CA PHE A 52 -16.30 10.51 -4.11
C PHE A 52 -16.72 11.61 -3.17
N ASP A 53 -16.15 12.79 -3.28
CA ASP A 53 -16.59 13.95 -2.43
C ASP A 53 -17.48 14.94 -3.13
N HIS A 54 -17.72 14.71 -4.42
CA HIS A 54 -18.70 15.50 -5.22
C HIS A 54 -19.83 14.60 -5.71
N PRO A 55 -20.92 15.21 -6.21
CA PRO A 55 -22.15 14.45 -6.40
C PRO A 55 -22.20 13.62 -7.65
N GLU A 56 -21.30 13.84 -8.62
CA GLU A 56 -21.20 13.01 -9.82
C GLU A 56 -19.86 12.26 -9.77
N PRO A 57 -19.85 11.00 -10.24
CA PRO A 57 -20.95 10.22 -10.81
C PRO A 57 -22.04 9.82 -9.80
N SER A 58 -23.27 9.89 -10.29
CA SER A 58 -24.41 9.36 -9.57
C SER A 58 -24.44 7.86 -9.48
N TRP A 59 -25.27 7.34 -8.61
CA TRP A 59 -25.49 5.90 -8.50
C TRP A 59 -25.88 5.34 -9.83
N GLU A 60 -26.77 6.05 -10.53
CA GLU A 60 -27.18 5.56 -11.85
C GLU A 60 -26.01 5.44 -12.83
N ARG A 61 -25.12 6.43 -12.84
CA ARG A 61 -23.95 6.37 -13.71
C ARG A 61 -22.99 5.20 -13.27
N VAL A 62 -22.77 5.06 -11.99
CA VAL A 62 -21.97 3.97 -11.45
C VAL A 62 -22.53 2.63 -11.92
N ARG A 63 -23.86 2.45 -11.83
CA ARG A 63 -24.50 1.19 -12.30
C ARG A 63 -24.40 1.01 -13.79
N GLU A 64 -24.50 2.11 -14.53
CA GLU A 64 -24.41 2.02 -15.98
C GLU A 64 -23.02 1.44 -16.38
N VAL A 65 -21.95 1.92 -15.72
CA VAL A 65 -20.61 1.46 -16.09
C VAL A 65 -20.28 0.07 -15.53
N LEU A 66 -20.56 -0.13 -14.25
CA LEU A 66 -20.05 -1.34 -13.55
C LEU A 66 -21.02 -2.53 -13.66
N GLY A 67 -22.33 -2.24 -13.79
CA GLY A 67 -23.29 -3.32 -14.07
C GLY A 67 -22.94 -4.06 -15.34
N THR A 68 -22.62 -3.27 -16.39
CA THR A 68 -22.23 -3.83 -17.67
C THR A 68 -21.01 -4.71 -17.53
N HIS A 69 -19.98 -4.23 -16.83
CA HIS A 69 -18.83 -5.04 -16.60
C HIS A 69 -19.10 -6.34 -15.81
N LEU A 70 -19.85 -6.24 -14.72
CA LEU A 70 -20.12 -7.45 -13.91
C LEU A 70 -20.85 -8.52 -14.72
N ARG A 71 -21.74 -8.10 -15.60
CA ARG A 71 -22.45 -9.09 -16.43
C ARG A 71 -21.53 -9.73 -17.46
N ALA A 72 -20.55 -8.98 -17.99
CA ALA A 72 -19.62 -9.55 -19.00
C ALA A 72 -18.52 -10.37 -18.41
N HIS A 73 -18.02 -9.98 -17.25
CA HIS A 73 -16.82 -10.57 -16.72
C HIS A 73 -17.04 -10.90 -15.19
N PRO A 74 -17.99 -11.79 -14.88
CA PRO A 74 -18.31 -12.02 -13.45
C PRO A 74 -17.24 -12.77 -12.71
N SER A 75 -17.15 -12.52 -11.42
CA SER A 75 -16.36 -13.37 -10.54
C SER A 75 -16.97 -14.77 -10.50
N ARG A 76 -16.09 -15.78 -10.56
CA ARG A 76 -16.45 -17.20 -10.40
C ARG A 76 -15.86 -17.84 -9.15
N THR A 77 -15.37 -17.03 -8.23
CA THR A 77 -14.81 -17.50 -6.97
C THR A 77 -15.92 -17.61 -5.96
N ARG A 78 -15.92 -18.71 -5.19
CA ARG A 78 -16.92 -18.89 -4.15
C ARG A 78 -16.31 -18.61 -2.79
N ILE A 79 -16.86 -17.70 -2.01
CA ILE A 79 -16.39 -17.46 -0.63
C ILE A 79 -16.80 -18.60 0.31
N ASP A 80 -16.10 -18.70 1.43
CA ASP A 80 -16.47 -19.61 2.53
C ASP A 80 -16.79 -18.76 3.78
N PRO A 81 -18.07 -18.40 3.95
CA PRO A 81 -18.49 -17.54 5.04
C PRO A 81 -18.15 -18.09 6.42
N ASP A 82 -18.21 -19.41 6.58
CA ASP A 82 -17.94 -20.01 7.88
C ASP A 82 -16.54 -19.78 8.35
N ARG A 83 -15.60 -19.82 7.41
CA ARG A 83 -14.21 -19.55 7.73
C ARG A 83 -13.91 -18.06 7.74
N LEU A 84 -14.58 -17.27 6.90
CA LEU A 84 -14.28 -15.83 6.86
C LEU A 84 -14.72 -15.05 8.07
N LEU A 85 -15.90 -15.39 8.64
CA LEU A 85 -16.37 -14.60 9.72
C LEU A 85 -15.40 -14.47 10.91
N PRO A 86 -14.88 -15.60 11.46
CA PRO A 86 -13.95 -15.43 12.56
C PRO A 86 -12.67 -14.61 12.16
N GLN A 87 -12.23 -14.76 10.93
CA GLN A 87 -11.08 -13.97 10.46
C GLN A 87 -11.47 -12.49 10.49
N HIS A 88 -12.65 -12.19 9.98
CA HIS A 88 -13.11 -10.78 9.97
C HIS A 88 -13.33 -10.19 11.38
N ARG A 89 -13.79 -10.98 12.33
CA ARG A 89 -13.91 -10.51 13.71
C ARG A 89 -12.58 -10.10 14.27
N ARG A 90 -11.55 -10.87 13.99
CA ARG A 90 -10.22 -10.50 14.45
C ARG A 90 -9.69 -9.25 13.74
N LEU A 91 -9.90 -9.18 12.43
CA LEU A 91 -9.44 -8.01 11.62
C LEU A 91 -10.12 -6.78 12.15
N ALA A 92 -11.40 -6.90 12.50
CA ALA A 92 -12.14 -5.75 12.97
C ALA A 92 -11.60 -5.14 14.28
N LEU A 93 -11.25 -6.00 15.21
CA LEU A 93 -10.58 -5.60 16.44
C LEU A 93 -9.25 -4.94 16.11
N ALA A 94 -8.47 -5.57 15.26
CA ALA A 94 -7.09 -5.11 14.94
C ALA A 94 -7.06 -3.77 14.21
N GLU A 95 -8.06 -3.55 13.33
CA GLU A 95 -8.10 -2.36 12.47
C GLU A 95 -9.07 -1.32 13.01
N GLN A 96 -9.66 -1.58 14.16
CA GLN A 96 -10.63 -0.74 14.80
C GLN A 96 -11.76 -0.33 13.83
N ILE A 97 -12.43 -1.38 13.34
CA ILE A 97 -13.58 -1.25 12.41
C ILE A 97 -14.84 -1.58 13.21
N ASP A 98 -15.80 -0.66 13.23
CA ASP A 98 -17.02 -0.87 13.97
C ASP A 98 -18.30 -1.14 13.14
N GLU A 99 -18.15 -1.31 11.82
CA GLU A 99 -19.20 -1.53 10.89
C GLU A 99 -19.74 -2.96 11.10
N PRO A 100 -21.04 -3.17 10.79
CA PRO A 100 -21.52 -4.52 10.77
C PRO A 100 -20.71 -5.39 9.79
N LEU A 101 -20.43 -6.63 10.19
CA LEU A 101 -19.66 -7.54 9.33
C LEU A 101 -20.56 -8.48 8.53
N LEU A 102 -21.86 -8.51 8.78
CA LEU A 102 -22.76 -9.44 8.14
C LEU A 102 -24.03 -8.67 7.73
N PRO A 103 -24.79 -9.22 6.76
CA PRO A 103 -24.44 -10.42 5.98
C PRO A 103 -23.39 -10.14 4.95
N PHE A 104 -22.70 -11.21 4.53
CA PHE A 104 -21.77 -11.04 3.40
C PHE A 104 -22.52 -10.62 2.14
N TYR A 105 -21.92 -9.74 1.34
CA TYR A 105 -22.55 -9.38 0.09
C TYR A 105 -22.58 -10.64 -0.83
N ASP A 106 -23.65 -10.73 -1.64
CA ASP A 106 -23.64 -11.69 -2.75
C ASP A 106 -22.58 -11.31 -3.80
N ASP A 107 -21.94 -12.31 -4.42
CA ASP A 107 -20.90 -12.00 -5.44
C ASP A 107 -21.54 -11.23 -6.60
N ASN A 108 -20.75 -10.37 -7.24
CA ASN A 108 -21.14 -9.66 -8.45
C ASN A 108 -22.34 -8.75 -8.23
N THR A 109 -22.32 -8.04 -7.10
CA THR A 109 -23.31 -7.06 -6.82
C THR A 109 -22.75 -5.66 -6.47
N LEU A 110 -23.58 -4.65 -6.68
N LEU A 110 -23.58 -4.64 -6.69
CA LEU A 110 -23.22 -3.22 -6.48
CA LEU A 110 -23.22 -3.21 -6.50
C LEU A 110 -24.07 -2.71 -5.31
C LEU A 110 -24.10 -2.59 -5.39
N HIS A 111 -23.47 -1.88 -4.46
CA HIS A 111 -24.14 -1.34 -3.31
C HIS A 111 -23.73 0.13 -3.07
N ARG A 112 -24.69 0.93 -2.63
CA ARG A 112 -24.36 2.14 -1.88
C ARG A 112 -23.88 1.73 -0.51
N ALA A 113 -22.93 2.49 0.07
CA ALA A 113 -22.49 2.16 1.42
C ALA A 113 -22.20 3.42 2.22
N VAL A 114 -22.06 3.28 3.52
CA VAL A 114 -21.78 4.39 4.43
C VAL A 114 -20.27 4.60 4.58
N PRO A 115 -19.75 5.76 4.20
CA PRO A 115 -18.28 6.07 4.37
C PRO A 115 -17.85 5.96 5.85
N ARG A 116 -16.72 5.28 6.10
CA ARG A 116 -16.23 5.08 7.47
C ARG A 116 -15.26 6.19 7.83
N SER A 117 -15.14 6.49 9.11
CA SER A 117 -14.18 7.48 9.61
C SER A 117 -12.94 6.73 10.13
N ARG A 118 -11.75 7.29 9.87
CA ARG A 118 -10.47 6.74 10.32
C ARG A 118 -9.75 7.71 11.24
N VAL A 119 -10.46 8.74 11.70
CA VAL A 119 -9.86 9.76 12.59
C VAL A 119 -9.25 9.19 13.86
N HIS A 120 -9.91 8.19 14.45
CA HIS A 120 -9.47 7.58 15.66
C HIS A 120 -8.18 6.81 15.51
N VAL A 121 -7.82 6.45 14.26
CA VAL A 121 -6.55 5.77 14.00
C VAL A 121 -5.48 6.73 13.51
N LEU A 122 -5.84 7.73 12.74
CA LEU A 122 -4.87 8.62 12.11
C LEU A 122 -4.45 9.80 12.96
N GLY A 123 -5.35 10.24 13.82
CA GLY A 123 -5.06 11.27 14.85
C GLY A 123 -5.87 12.57 14.75
N SER A 124 -6.56 12.81 13.66
CA SER A 124 -7.32 14.03 13.44
C SER A 124 -8.04 13.97 12.08
N ALA A 125 -9.03 14.81 11.93
CA ALA A 125 -9.68 15.02 10.67
C ALA A 125 -8.72 15.60 9.63
N ALA A 126 -7.80 16.46 10.04
CA ALA A 126 -6.82 16.99 9.11
C ALA A 126 -5.89 15.85 8.56
N ALA A 127 -5.53 14.91 9.43
CA ALA A 127 -4.69 13.78 8.97
C ALA A 127 -5.53 12.91 8.03
N GLU A 128 -6.80 12.65 8.37
CA GLU A 128 -7.69 11.90 7.45
C GLU A 128 -7.83 12.55 6.09
N ASP A 129 -7.94 13.87 6.09
CA ASP A 129 -8.12 14.59 4.84
C ASP A 129 -6.86 14.50 3.98
N LEU A 130 -5.68 14.52 4.62
CA LEU A 130 -4.43 14.37 3.89
C LEU A 130 -4.32 12.97 3.22
N PHE A 131 -4.72 11.94 3.95
CA PHE A 131 -4.76 10.58 3.38
C PHE A 131 -5.77 10.54 2.24
N HIS A 132 -6.94 11.17 2.37
CA HIS A 132 -7.87 11.23 1.26
C HIS A 132 -7.27 11.95 0.00
N ASP A 133 -6.50 13.00 0.22
CA ASP A 133 -5.82 13.71 -0.87
C ASP A 133 -4.82 12.74 -1.52
N PHE A 134 -4.06 12.01 -0.69
CA PHE A 134 -3.13 11.00 -1.26
C PHE A 134 -3.89 9.96 -2.07
N HIS A 135 -4.93 9.38 -1.51
CA HIS A 135 -5.69 8.39 -2.24
C HIS A 135 -6.20 8.88 -3.58
N ALA A 136 -6.66 10.11 -3.61
CA ALA A 136 -7.20 10.73 -4.86
C ALA A 136 -6.08 10.82 -5.92
N ALA A 137 -4.94 11.37 -5.54
CA ALA A 137 -3.84 11.43 -6.50
C ALA A 137 -3.30 10.07 -6.93
N ALA A 138 -3.11 9.19 -5.94
CA ALA A 138 -2.55 7.88 -6.14
C ALA A 138 -3.50 6.97 -6.89
N SER A 139 -4.82 7.14 -6.72
CA SER A 139 -5.74 6.26 -7.48
C SER A 139 -5.62 6.52 -9.01
N THR A 140 -5.42 7.79 -9.41
CA THR A 140 -5.18 8.08 -10.79
C THR A 140 -3.94 7.40 -11.30
N ALA A 141 -2.86 7.48 -10.53
CA ALA A 141 -1.60 6.77 -10.89
C ALA A 141 -1.78 5.27 -10.99
N ALA A 142 -2.64 4.71 -10.14
CA ALA A 142 -2.88 3.29 -10.11
C ALA A 142 -3.52 2.73 -11.37
N PHE A 143 -4.31 3.54 -12.06
CA PHE A 143 -4.97 3.04 -13.23
C PHE A 143 -3.88 2.74 -14.27
N ASP A 144 -2.91 3.59 -14.48
CA ASP A 144 -1.83 3.29 -15.42
C ASP A 144 -0.95 2.08 -14.98
N GLN A 145 -0.73 1.92 -13.67
CA GLN A 145 -0.01 0.82 -13.13
C GLN A 145 -0.77 -0.49 -13.36
N LEU A 146 -2.08 -0.47 -13.10
CA LEU A 146 -2.88 -1.68 -13.28
C LEU A 146 -3.11 -2.02 -14.76
N ASP A 147 -3.13 -1.01 -15.63
CA ASP A 147 -3.18 -1.26 -17.06
C ASP A 147 -1.96 -2.04 -17.47
N ALA A 148 -0.81 -1.64 -16.92
CA ALA A 148 0.47 -2.39 -17.19
C ALA A 148 0.43 -3.80 -16.66
N VAL A 149 -0.10 -4.00 -15.44
CA VAL A 149 -0.15 -5.32 -14.86
C VAL A 149 -1.07 -6.24 -15.67
N VAL A 150 -2.26 -5.76 -15.99
CA VAL A 150 -3.22 -6.55 -16.79
C VAL A 150 -2.60 -6.89 -18.10
N ALA A 151 -1.86 -5.96 -18.66
CA ALA A 151 -1.18 -6.17 -19.96
C ALA A 151 -0.05 -7.22 -19.89
N GLY A 152 0.41 -7.52 -18.66
CA GLY A 152 1.40 -8.53 -18.40
C GLY A 152 2.68 -8.15 -17.69
N GLU A 153 2.82 -6.89 -17.32
CA GLU A 153 3.96 -6.49 -16.52
C GLU A 153 3.84 -7.08 -15.13
N SER A 154 4.99 -7.28 -14.47
CA SER A 154 4.99 -7.85 -13.14
C SER A 154 4.47 -6.86 -12.09
N ARG A 155 3.46 -7.27 -11.34
CA ARG A 155 2.88 -6.46 -10.30
C ARG A 155 3.96 -6.18 -9.22
N LEU A 156 4.63 -7.26 -8.81
CA LEU A 156 5.69 -7.12 -7.75
C LEU A 156 6.82 -6.25 -8.23
N GLY A 157 7.20 -6.37 -9.50
CA GLY A 157 8.24 -5.50 -10.07
C GLY A 157 7.91 -4.04 -10.06
N LEU A 158 6.65 -3.72 -10.37
CA LEU A 158 6.22 -2.33 -10.28
C LEU A 158 6.26 -1.81 -8.82
N ALA A 159 5.83 -2.62 -7.91
CA ALA A 159 5.88 -2.26 -6.49
C ALA A 159 7.29 -2.08 -5.96
N PHE A 160 8.18 -2.95 -6.39
CA PHE A 160 9.64 -2.89 -6.00
C PHE A 160 10.22 -1.55 -6.40
N GLU A 161 9.94 -1.13 -7.64
CA GLU A 161 10.40 0.20 -8.12
C GLU A 161 9.87 1.36 -7.28
N LEU A 162 8.62 1.28 -6.85
CA LEU A 162 8.04 2.35 -5.98
C LEU A 162 8.79 2.44 -4.66
N MET A 163 9.09 1.28 -4.06
N MET A 163 9.09 1.30 -4.03
CA MET A 163 9.75 1.23 -2.76
CA MET A 163 9.74 1.33 -2.72
C MET A 163 11.18 1.79 -2.86
C MET A 163 11.21 1.76 -2.81
N ILE A 164 11.92 1.33 -3.87
CA ILE A 164 13.31 1.78 -4.04
C ILE A 164 13.32 3.28 -4.27
N ALA A 165 12.43 3.76 -5.11
CA ALA A 165 12.35 5.20 -5.40
C ALA A 165 12.06 6.01 -4.12
N ALA A 166 11.11 5.53 -3.33
CA ALA A 166 10.74 6.21 -2.12
C ALA A 166 11.90 6.27 -1.19
N ALA A 167 12.65 5.19 -1.00
CA ALA A 167 13.82 5.22 -0.13
C ALA A 167 14.92 6.16 -0.68
N HIS A 168 15.20 6.09 -1.99
CA HIS A 168 16.30 6.94 -2.51
C HIS A 168 15.94 8.45 -2.42
N ALA A 169 14.72 8.83 -2.69
CA ALA A 169 14.31 10.24 -2.78
C ALA A 169 13.98 10.81 -1.42
N HIS A 170 13.38 10.01 -0.51
CA HIS A 170 12.76 10.53 0.67
C HIS A 170 13.37 10.09 2.01
N ALA A 171 14.32 9.18 2.03
CA ALA A 171 15.00 8.86 3.29
C ALA A 171 16.23 9.73 3.38
N GLU A 172 16.55 10.08 4.61
CA GLU A 172 17.85 10.68 4.85
C GLU A 172 18.96 9.62 4.56
N GLY A 173 19.91 10.07 3.79
CA GLY A 173 21.02 9.24 3.40
C GLY A 173 20.69 8.45 2.14
N GLY A 174 19.48 8.65 1.58
CA GLY A 174 19.14 7.99 0.32
C GLY A 174 18.98 6.51 0.52
N ILE A 175 19.21 5.74 -0.54
CA ILE A 175 18.92 4.30 -0.54
C ILE A 175 19.68 3.55 0.55
N THR A 176 20.94 3.89 0.81
CA THR A 176 21.74 3.20 1.82
C THR A 176 21.42 3.62 3.23
N GLY A 177 20.48 4.56 3.39
CA GLY A 177 19.82 4.84 4.68
C GLY A 177 18.48 4.18 4.74
N GLY A 178 17.62 4.51 3.77
CA GLY A 178 16.22 4.07 3.83
C GLY A 178 15.99 2.56 3.79
N PHE A 179 16.97 1.82 3.24
CA PHE A 179 16.84 0.36 3.12
C PHE A 179 16.78 -0.34 4.48
N VAL A 180 17.31 0.28 5.54
CA VAL A 180 17.30 -0.38 6.85
C VAL A 180 15.84 -0.60 7.29
N SER A 181 14.95 0.31 6.90
CA SER A 181 13.54 0.13 7.17
C SER A 181 12.96 -1.16 6.53
N PHE A 182 13.41 -1.46 5.30
CA PHE A 182 12.97 -2.65 4.60
C PHE A 182 13.33 -3.93 5.37
N ARG A 183 14.57 -3.96 5.87
CA ARG A 183 14.95 -5.13 6.69
C ARG A 183 14.10 -5.21 7.94
N SER A 184 13.91 -4.07 8.60
CA SER A 184 13.13 -4.01 9.80
C SER A 184 11.74 -4.58 9.57
N HIS A 185 11.13 -4.19 8.48
CA HIS A 185 9.77 -4.63 8.22
C HIS A 185 9.69 -6.11 7.88
N ALA A 186 10.59 -6.58 7.08
CA ALA A 186 10.67 -8.04 6.75
C ALA A 186 10.90 -8.87 8.01
N GLU A 187 11.81 -8.44 8.87
CA GLU A 187 12.14 -9.25 10.07
C GLU A 187 11.03 -9.19 11.08
N ALA A 188 10.29 -8.08 11.14
CA ALA A 188 9.12 -8.02 12.03
C ALA A 188 8.03 -8.92 11.52
N PHE A 189 7.79 -8.98 10.21
CA PHE A 189 6.82 -9.86 9.62
C PHE A 189 7.17 -11.33 9.93
N LEU A 190 8.43 -11.68 9.64
CA LEU A 190 8.85 -13.08 9.72
C LEU A 190 8.69 -13.59 11.15
N ALA A 191 8.92 -12.74 12.11
CA ALA A 191 8.74 -13.12 13.53
C ALA A 191 9.37 -14.48 13.89
N GLY A 192 10.61 -14.69 13.46
CA GLY A 192 11.33 -15.90 13.81
C GLY A 192 11.17 -17.06 12.86
N ALA A 193 10.50 -16.86 11.73
CA ALA A 193 10.30 -17.89 10.72
C ALA A 193 11.57 -18.16 9.92
N ALA A 194 12.49 -18.98 10.46
CA ALA A 194 13.71 -19.30 9.77
C ALA A 194 13.48 -20.02 8.49
N GLY A 195 12.45 -20.86 8.45
CA GLY A 195 12.22 -21.63 7.26
C GLY A 195 11.67 -20.79 6.09
N LEU A 196 10.78 -19.88 6.40
CA LEU A 196 10.26 -18.92 5.42
C LEU A 196 11.35 -17.99 4.99
N ARG A 197 12.18 -17.55 5.91
CA ARG A 197 13.30 -16.65 5.56
C ARG A 197 14.26 -17.32 4.57
N GLU A 198 14.52 -18.62 4.80
CA GLU A 198 15.43 -19.34 3.90
C GLU A 198 14.82 -19.48 2.51
N ARG A 199 13.48 -19.73 2.43
CA ARG A 199 12.74 -19.78 1.13
C ARG A 199 12.90 -18.45 0.41
N TRP A 200 12.72 -17.36 1.15
CA TRP A 200 12.87 -16.01 0.56
C TRP A 200 14.29 -15.78 0.07
N GLU A 201 15.27 -16.16 0.88
CA GLU A 201 16.65 -16.00 0.49
C GLU A 201 16.98 -16.79 -0.77
N ALA A 202 16.45 -18.01 -0.82
CA ALA A 202 16.74 -18.86 -1.99
C ALA A 202 16.12 -18.29 -3.28
N GLU A 203 14.91 -17.76 -3.19
CA GLU A 203 14.31 -17.10 -4.34
C GLU A 203 15.06 -15.86 -4.67
N TYR A 204 15.45 -15.08 -3.67
CA TYR A 204 16.23 -13.87 -3.91
C TYR A 204 17.49 -14.18 -4.70
N ARG A 205 18.17 -15.27 -4.37
CA ARG A 205 19.42 -15.62 -5.09
C ARG A 205 19.18 -15.74 -6.60
N THR A 206 18.01 -16.26 -6.98
CA THR A 206 17.68 -16.44 -8.43
C THR A 206 17.43 -15.11 -9.13
N ARG A 207 17.01 -14.14 -8.33
CA ARG A 207 16.58 -12.80 -8.79
C ARG A 207 17.65 -11.73 -8.66
N ALA A 208 18.75 -12.04 -7.99
CA ALA A 208 19.67 -11.00 -7.46
C ALA A 208 20.19 -10.11 -8.52
N GLU A 209 20.68 -10.69 -9.63
CA GLU A 209 21.28 -9.88 -10.65
C GLU A 209 20.29 -8.84 -11.21
N ALA A 210 19.07 -9.30 -11.52
CA ALA A 210 18.04 -8.42 -12.01
C ALA A 210 17.60 -7.37 -10.97
N LEU A 211 17.44 -7.78 -9.71
CA LEU A 211 17.03 -6.86 -8.71
C LEU A 211 18.07 -5.78 -8.39
N ARG A 212 19.35 -6.16 -8.30
CA ARG A 212 20.43 -5.16 -8.15
C ARG A 212 20.41 -4.17 -9.34
N ALA A 213 20.21 -4.65 -10.54
CA ALA A 213 20.16 -3.76 -11.67
C ALA A 213 18.99 -2.82 -11.60
N GLN A 214 17.85 -3.31 -11.13
N GLN A 214 17.82 -3.27 -11.15
CA GLN A 214 16.65 -2.48 -10.94
CA GLN A 214 16.68 -2.35 -11.01
C GLN A 214 16.93 -1.38 -9.89
C GLN A 214 16.94 -1.33 -9.88
N VAL A 215 17.58 -1.76 -8.80
CA VAL A 215 17.99 -0.78 -7.74
C VAL A 215 18.84 0.34 -8.34
N ALA A 216 19.85 -0.07 -9.12
CA ALA A 216 20.74 0.95 -9.70
C ALA A 216 20.03 1.81 -10.73
N ALA A 217 19.12 1.23 -11.50
CA ALA A 217 18.36 1.98 -12.47
C ALA A 217 17.41 3.03 -11.83
N VAL A 218 16.73 2.62 -10.76
CA VAL A 218 15.84 3.51 -10.03
C VAL A 218 16.62 4.62 -9.37
N VAL A 219 17.75 4.31 -8.75
CA VAL A 219 18.64 5.32 -8.14
C VAL A 219 19.15 6.35 -9.18
N THR A 220 19.57 5.87 -10.36
CA THR A 220 19.85 6.74 -11.50
C THR A 220 18.67 7.56 -11.94
N GLY A 221 17.48 7.01 -11.93
CA GLY A 221 16.30 7.68 -12.32
C GLY A 221 15.56 6.95 -13.39
N THR A 222 14.31 6.55 -13.13
CA THR A 222 13.43 6.02 -14.14
C THR A 222 12.19 6.92 -14.24
N PRO A 223 11.51 6.93 -15.38
CA PRO A 223 10.30 7.71 -15.45
C PRO A 223 9.29 7.31 -14.38
N ARG A 224 9.08 6.01 -14.15
CA ARG A 224 8.10 5.61 -13.14
C ARG A 224 8.59 6.00 -11.73
N GLY A 225 9.88 5.80 -11.46
CA GLY A 225 10.41 6.14 -10.12
C GLY A 225 10.24 7.62 -9.84
N ARG A 226 10.65 8.46 -10.78
CA ARG A 226 10.50 9.90 -10.63
C ARG A 226 9.06 10.38 -10.54
N ALA A 227 8.14 9.73 -11.25
CA ALA A 227 6.78 10.09 -11.17
C ALA A 227 6.22 9.80 -9.77
N TRP A 228 6.60 8.64 -9.22
CA TRP A 228 6.09 8.26 -7.89
C TRP A 228 6.65 9.20 -6.80
N THR A 229 7.95 9.48 -6.85
CA THR A 229 8.54 10.39 -5.88
C THR A 229 8.07 11.84 -5.99
N GLY A 230 7.75 12.26 -7.20
CA GLY A 230 7.06 13.51 -7.47
C GLY A 230 5.71 13.59 -6.83
N LEU A 231 4.99 12.48 -6.87
CA LEU A 231 3.66 12.44 -6.22
C LEU A 231 3.83 12.54 -4.74
N LEU A 232 4.72 11.73 -4.20
CA LEU A 232 5.01 11.76 -2.75
C LEU A 232 5.46 13.12 -2.25
N ASP A 233 6.24 13.83 -3.09
CA ASP A 233 6.69 15.21 -2.73
C ASP A 233 5.55 16.12 -2.30
N GLY A 234 4.38 15.97 -2.94
CA GLY A 234 3.15 16.77 -2.69
C GLY A 234 2.59 16.66 -1.31
N PHE A 235 2.98 15.59 -0.58
CA PHE A 235 2.47 15.35 0.76
C PHE A 235 3.45 15.63 1.85
N ALA A 236 4.71 15.86 1.51
CA ALA A 236 5.78 16.02 2.52
C ALA A 236 5.58 17.22 3.43
N GLY A 237 5.24 18.37 2.86
CA GLY A 237 5.06 19.58 3.71
C GLY A 237 3.96 19.50 4.73
N ARG A 238 2.75 19.22 4.21
CA ARG A 238 1.62 19.03 5.11
C ARG A 238 1.84 17.90 6.10
N GLY A 239 2.44 16.82 5.64
CA GLY A 239 2.77 15.69 6.54
C GLY A 239 3.67 16.12 7.68
N ASP A 240 4.76 16.83 7.37
CA ASP A 240 5.69 17.35 8.43
C ASP A 240 4.90 18.18 9.43
N GLU A 241 4.02 19.07 8.95
CA GLU A 241 3.28 19.92 9.85
C GLU A 241 2.33 19.16 10.76
N LEU A 242 1.59 18.17 10.24
CA LEU A 242 0.70 17.36 11.07
C LEU A 242 1.44 16.43 12.05
N ILE A 243 2.59 15.93 11.63
CA ILE A 243 3.41 15.12 12.53
C ILE A 243 3.89 16.02 13.70
N ALA A 244 4.39 17.19 13.38
CA ALA A 244 5.00 18.03 14.40
C ALA A 244 3.97 18.54 15.42
N SER A 245 2.72 18.76 14.98
CA SER A 245 1.64 19.28 15.89
C SER A 245 0.97 18.18 16.70
N GLY A 246 1.18 16.92 16.38
CA GLY A 246 0.50 15.76 16.99
C GLY A 246 -0.83 15.32 16.35
N ALA A 247 -1.18 16.00 15.27
CA ALA A 247 -2.38 15.73 14.52
C ALA A 247 -2.32 14.46 13.68
N LEU A 248 -1.13 14.03 13.33
CA LEU A 248 -0.95 12.76 12.62
C LEU A 248 -0.11 11.84 13.46
N THR A 249 -0.68 10.72 13.89
CA THR A 249 0.07 9.82 14.82
C THR A 249 1.13 9.09 14.07
N PRO A 261 9.39 -6.03 18.61
CA PRO A 261 9.73 -7.40 18.15
C PRO A 261 10.88 -8.07 18.84
N ASP A 262 10.78 -9.40 19.14
CA ASP A 262 11.90 -10.08 19.79
C ASP A 262 12.72 -10.78 18.69
N THR A 263 13.46 -10.03 17.90
CA THR A 263 14.26 -10.52 16.81
C THR A 263 15.68 -10.08 16.98
N GLU A 264 16.67 -10.72 16.35
CA GLU A 264 18.07 -10.31 16.48
C GLU A 264 18.17 -8.82 16.05
N PHE A 265 17.48 -8.50 14.96
CA PHE A 265 17.57 -7.13 14.44
C PHE A 265 16.99 -6.11 15.39
N HIS A 266 15.81 -6.38 15.93
CA HIS A 266 15.15 -5.35 16.72
C HIS A 266 15.78 -5.25 18.14
N ARG A 267 16.28 -6.38 18.67
CA ARG A 267 17.07 -6.31 19.90
C ARG A 267 18.28 -5.42 19.73
N ALA A 268 18.96 -5.55 18.60
CA ALA A 268 20.11 -4.73 18.35
C ALA A 268 19.75 -3.26 18.27
N LEU A 269 18.67 -2.98 17.56
CA LEU A 269 18.25 -1.63 17.35
C LEU A 269 17.92 -0.97 18.66
N ARG A 270 17.24 -1.69 19.57
CA ARG A 270 16.86 -1.11 20.84
C ARG A 270 18.04 -0.75 21.76
N ALA A 271 19.21 -1.31 21.49
CA ALA A 271 20.41 -1.03 22.26
C ALA A 271 21.26 0.07 21.62
N ASN A 272 20.84 0.57 20.47
CA ASN A 272 21.69 1.45 19.66
C ASN A 272 21.21 2.85 19.98
N ARG A 273 22.03 3.66 20.67
CA ARG A 273 21.60 5.01 21.04
C ARG A 273 21.35 5.93 19.85
N THR A 274 22.01 5.69 18.71
CA THR A 274 21.76 6.51 17.51
C THR A 274 20.35 6.30 17.00
N TRP A 275 19.91 5.07 17.11
CA TRP A 275 18.46 4.81 16.76
C TRP A 275 17.54 5.69 17.59
N HIS A 276 17.72 5.66 18.87
CA HIS A 276 16.83 6.46 19.72
C HIS A 276 16.94 7.96 19.49
N ASP A 277 18.15 8.43 19.39
CA ASP A 277 18.47 9.87 19.44
C ASP A 277 18.44 10.58 18.07
N GLU A 278 18.87 9.91 17.01
CA GLU A 278 19.02 10.55 15.73
C GLU A 278 18.06 9.99 14.66
N VAL A 279 17.52 8.80 14.85
CA VAL A 279 16.65 8.18 13.82
C VAL A 279 15.17 8.31 14.23
N LEU A 280 14.75 7.51 15.20
CA LEU A 280 13.33 7.35 15.57
C LEU A 280 12.57 8.65 15.77
N ARG A 281 13.19 9.56 16.51
CA ARG A 281 12.57 10.84 16.85
C ARG A 281 12.78 11.97 15.79
N SER A 282 13.55 11.74 14.75
CA SER A 282 13.87 12.81 13.85
C SER A 282 12.67 13.13 12.94
N PRO A 283 12.44 14.42 12.67
CA PRO A 283 11.42 14.74 11.71
C PRO A 283 11.66 14.13 10.32
N SER A 284 12.90 13.99 9.90
CA SER A 284 13.17 13.41 8.58
C SER A 284 12.78 11.94 8.54
N PHE A 285 13.06 11.21 9.60
CA PHE A 285 12.65 9.74 9.59
C PHE A 285 11.14 9.62 9.66
N ARG A 286 10.49 10.48 10.46
CA ARG A 286 9.04 10.41 10.56
C ARG A 286 8.40 10.66 9.19
N ARG A 287 8.95 11.68 8.48
CA ARG A 287 8.48 11.99 7.13
C ARG A 287 8.69 10.78 6.17
N TYR A 288 9.90 10.26 6.14
CA TYR A 288 10.19 9.05 5.34
C TYR A 288 9.17 7.95 5.65
N ARG A 289 8.97 7.67 6.94
CA ARG A 289 8.08 6.59 7.31
C ARG A 289 6.64 6.83 6.86
N LEU A 290 6.17 8.07 6.94
CA LEU A 290 4.86 8.41 6.42
C LEU A 290 4.82 8.09 4.91
N LEU A 291 5.82 8.58 4.15
CA LEU A 291 5.75 8.43 2.69
C LEU A 291 5.95 6.96 2.26
N LEU A 292 6.70 6.20 3.03
CA LEU A 292 6.79 4.73 2.82
C LEU A 292 5.48 4.09 3.13
N ASN A 293 4.81 4.52 4.21
CA ASN A 293 3.49 3.93 4.49
C ASN A 293 2.48 4.26 3.38
N LEU A 294 2.50 5.47 2.83
CA LEU A 294 1.65 5.76 1.68
C LEU A 294 1.98 4.86 0.50
N THR A 295 3.26 4.58 0.30
CA THR A 295 3.69 3.65 -0.77
C THR A 295 3.13 2.25 -0.53
N TYR A 296 3.16 1.79 0.70
CA TYR A 296 2.58 0.49 1.02
C TYR A 296 1.06 0.48 0.79
N LEU A 297 0.36 1.58 1.12
CA LEU A 297 -1.05 1.68 0.75
C LEU A 297 -1.27 1.54 -0.75
N GLN A 298 -0.40 2.17 -1.55
CA GLN A 298 -0.50 2.04 -3.01
C GLN A 298 -0.30 0.60 -3.39
N MET A 299 0.65 -0.08 -2.77
CA MET A 299 0.90 -1.49 -3.08
C MET A 299 -0.37 -2.30 -2.81
N SER A 300 -1.07 -2.01 -1.72
N SER A 300 -1.08 -2.03 -1.72
CA SER A 300 -2.33 -2.70 -1.45
CA SER A 300 -2.34 -2.74 -1.44
C SER A 300 -3.36 -2.44 -2.55
C SER A 300 -3.42 -2.43 -2.48
N ARG A 301 -3.45 -1.18 -2.99
CA ARG A 301 -4.33 -0.83 -4.10
C ARG A 301 -4.05 -1.58 -5.35
N LEU A 302 -2.79 -1.91 -5.57
CA LEU A 302 -2.31 -2.64 -6.74
C LEU A 302 -2.39 -4.14 -6.56
N GLY A 303 -2.89 -4.60 -5.44
CA GLY A 303 -3.15 -6.04 -5.27
C GLY A 303 -2.01 -6.81 -4.60
N VAL A 304 -1.06 -6.09 -4.04
CA VAL A 304 0.07 -6.73 -3.34
C VAL A 304 -0.36 -7.00 -1.91
N THR A 305 -0.28 -8.26 -1.52
CA THR A 305 -0.75 -8.67 -0.18
C THR A 305 0.32 -8.36 0.86
N ALA A 306 -0.04 -8.48 2.15
CA ALA A 306 0.89 -8.29 3.23
C ALA A 306 2.10 -9.20 3.18
N VAL A 307 1.93 -10.49 2.92
CA VAL A 307 3.08 -11.38 2.79
C VAL A 307 3.97 -10.94 1.59
N GLN A 308 3.36 -10.58 0.47
CA GLN A 308 4.13 -10.14 -0.66
C GLN A 308 4.89 -8.82 -0.46
N ARG A 309 4.28 -7.90 0.26
CA ARG A 309 4.96 -6.66 0.62
C ARG A 309 6.18 -6.99 1.50
N SER A 310 6.01 -7.94 2.40
CA SER A 310 7.13 -8.30 3.30
C SER A 310 8.23 -9.03 2.55
N LEU A 311 7.88 -9.88 1.58
CA LEU A 311 8.88 -10.47 0.68
C LEU A 311 9.63 -9.39 -0.10
N LEU A 312 8.91 -8.41 -0.63
CA LEU A 312 9.57 -7.31 -1.30
C LEU A 312 10.54 -6.56 -0.40
N CYS A 313 10.15 -6.33 0.86
CA CYS A 313 11.05 -5.76 1.79
C CYS A 313 12.32 -6.53 1.97
N HIS A 314 12.16 -7.85 2.09
CA HIS A 314 13.38 -8.72 2.13
C HIS A 314 14.25 -8.61 0.87
N PHE A 315 13.63 -8.65 -0.28
CA PHE A 315 14.38 -8.59 -1.53
C PHE A 315 15.04 -7.21 -1.69
N ALA A 316 14.34 -6.13 -1.34
CA ALA A 316 14.88 -4.76 -1.44
C ALA A 316 16.09 -4.59 -0.55
N ALA A 317 15.96 -5.01 0.70
CA ALA A 317 17.11 -4.92 1.60
C ALA A 317 18.27 -5.74 1.04
N SER A 318 18.02 -6.98 0.63
CA SER A 318 19.10 -7.85 0.14
C SER A 318 19.76 -7.24 -1.11
N ALA A 319 18.96 -6.68 -2.03
CA ALA A 319 19.51 -6.09 -3.24
C ALA A 319 20.39 -4.86 -2.94
N VAL A 320 19.94 -4.00 -2.02
CA VAL A 320 20.69 -2.82 -1.68
C VAL A 320 21.98 -3.26 -0.99
N GLU A 321 21.92 -4.24 -0.11
CA GLU A 321 23.11 -4.76 0.53
C GLU A 321 24.15 -5.23 -0.48
N GLU A 322 23.70 -6.00 -1.48
CA GLU A 322 24.64 -6.58 -2.46
C GLU A 322 25.14 -5.56 -3.40
N GLU A 323 24.29 -4.62 -3.81
CA GLU A 323 24.76 -3.59 -4.75
C GLU A 323 25.76 -2.60 -4.13
N TYR A 324 25.55 -2.25 -2.88
CA TYR A 324 26.36 -1.19 -2.25
C TYR A 324 27.35 -1.78 -1.20
N GLY A 325 27.29 -3.07 -0.97
CA GLY A 325 28.19 -3.79 0.01
C GLY A 325 27.97 -3.33 1.44
N VAL A 326 26.69 -3.12 1.81
CA VAL A 326 26.29 -2.57 3.12
C VAL A 326 25.48 -3.64 3.83
N SER A 327 25.14 -3.42 5.13
CA SER A 327 24.49 -4.47 5.90
C SER A 327 23.52 -3.82 6.86
N ALA A 328 22.24 -4.14 6.75
CA ALA A 328 21.27 -3.51 7.69
C ALA A 328 21.49 -3.94 9.12
N ILE A 329 21.72 -5.22 9.34
CA ILE A 329 21.95 -5.70 10.72
C ILE A 329 23.21 -5.07 11.34
N GLU A 330 24.30 -4.92 10.58
CA GLU A 330 25.48 -4.23 11.10
C GLU A 330 25.18 -2.79 11.48
N ILE A 331 24.33 -2.12 10.68
CA ILE A 331 23.97 -0.73 10.98
C ILE A 331 23.19 -0.76 12.28
N ALA A 332 22.23 -1.66 12.39
CA ALA A 332 21.40 -1.71 13.63
C ALA A 332 22.25 -1.94 14.86
N VAL A 333 23.20 -2.84 14.75
CA VAL A 333 24.07 -3.18 15.93
C VAL A 333 24.88 -1.96 16.36
N GLY A 334 25.44 -1.24 15.39
CA GLY A 334 26.15 0.01 15.69
C GLY A 334 27.56 -0.17 16.20
#